data_5W05
#
_entry.id   5W05
#
_cell.length_a   43.380
_cell.length_b   80.650
_cell.length_c   112.160
_cell.angle_alpha   90.00
_cell.angle_beta   90.00
_cell.angle_gamma   90.00
#
_symmetry.space_group_name_H-M   'P 21 21 21'
#
loop_
_entity.id
_entity.type
_entity.pdbx_description
1 polymer 'M59 FAB LIGHT CHAIN'
2 polymer 'M59 FAB HEAVY CHAIN'
3 non-polymer DI(HYDROXYETHYL)ETHER
4 water water
#
loop_
_entity_poly.entity_id
_entity_poly.type
_entity_poly.pdbx_seq_one_letter_code
_entity_poly.pdbx_strand_id
1 'polypeptide(L)'
;DIVMTQTPLSLPVTPGEPASISCKSSQSLLSSGNQKNYLTWYLQKPGQSPQLLIYWASTRESGVPDRFSGSGSGTDFTLK
ISRVEAEDVGVYYCQNDYTYPLTFGQGTKLEIKRTVAAPSVFIFPPSDEQLKSGTASVVCLLNNFYPREAKVQWKVDNAL
QSGNSQESVTEQDSKDSTYSLSSTLTLSKADYEKHKVYACEVTHQGLSSPVTKSFNRGEC
;
L
2 'polypeptide(L)'
;EVQLVQSGAEVKKPGESLRISCKGSGYTFITYWIEWVRQMPGKGLEWMGDILPGSGSTNYSPSFQGHVTISADKSISTAY
LQWSSLKASDTAMYYCARSGYYGNSGFAYWGQGTLVTVSSASTKGPSVFPLAPSSKSTSGGTAALGCLVKDYFPEPVTVS
WNSGALTSGVHTFPAVLQSSGLYSLSSVVTVPSSSLGTQTYICNVNHKPSNTKVDKKVEPKSCHHHHHH
;
H
#
loop_
_chem_comp.id
_chem_comp.type
_chem_comp.name
_chem_comp.formula
PEG non-polymer DI(HYDROXYETHYL)ETHER 'C4 H10 O3'
#
# COMPACT_ATOMS: atom_id res chain seq x y z
N ASP A 1 5.42 25.49 -6.48
CA ASP A 1 5.76 24.53 -5.39
C ASP A 1 7.26 24.30 -5.33
N ILE A 2 7.78 24.08 -4.12
CA ILE A 2 9.11 23.51 -3.95
C ILE A 2 9.01 21.99 -4.18
N VAL A 3 9.85 21.48 -5.06
CA VAL A 3 9.94 20.04 -5.35
C VAL A 3 10.92 19.40 -4.37
N MET A 4 10.46 18.32 -3.73
CA MET A 4 11.29 17.56 -2.81
C MET A 4 11.60 16.20 -3.44
N THR A 5 12.87 15.99 -3.76
CA THR A 5 13.34 14.77 -4.44
C THR A 5 14.23 13.94 -3.51
N GLN A 6 13.79 12.71 -3.27
CA GLN A 6 14.51 11.77 -2.41
C GLN A 6 15.33 10.78 -3.21
N THR A 7 16.50 10.45 -2.68
CA THR A 7 17.37 9.39 -3.22
C THR A 7 17.93 8.56 -2.06
N PRO A 8 17.88 7.22 -2.15
CA PRO A 8 17.28 6.48 -3.26
C PRO A 8 15.77 6.33 -3.12
N LEU A 9 15.11 5.72 -4.10
CA LEU A 9 13.69 5.40 -4.01
C LEU A 9 13.47 4.17 -3.12
N SER A 10 14.39 3.21 -3.24
CA SER A 10 14.38 1.98 -2.45
CA SER A 10 14.38 2.00 -2.44
C SER A 10 15.73 1.80 -1.76
N LEU A 11 15.70 1.50 -0.46
CA LEU A 11 16.91 1.31 0.31
C LEU A 11 16.93 -0.04 1.06
N PRO A 12 17.57 -1.06 0.46
CA PRO A 12 17.79 -2.33 1.17
C PRO A 12 18.87 -2.16 2.24
N VAL A 13 18.53 -2.54 3.48
CA VAL A 13 19.45 -2.39 4.61
C VAL A 13 19.52 -3.67 5.40
N THR A 14 20.75 -4.12 5.68
CA THR A 14 21.01 -5.20 6.63
C THR A 14 20.86 -4.62 8.05
N PRO A 15 19.96 -5.20 8.87
CA PRO A 15 19.79 -4.70 10.25
C PRO A 15 21.13 -4.62 10.97
N GLY A 16 21.38 -3.48 11.60
CA GLY A 16 22.65 -3.22 12.28
C GLY A 16 23.58 -2.27 11.55
N GLU A 17 23.45 -2.22 10.22
CA GLU A 17 24.30 -1.33 9.42
C GLU A 17 23.73 0.08 9.36
N PRO A 18 24.59 1.08 9.07
CA PRO A 18 24.06 2.44 8.88
C PRO A 18 23.28 2.60 7.58
N ALA A 19 22.35 3.56 7.57
CA ALA A 19 21.59 3.91 6.39
C ALA A 19 21.51 5.41 6.26
N SER A 20 21.50 5.89 5.02
CA SER A 20 21.32 7.31 4.74
C SER A 20 20.32 7.53 3.60
N ILE A 21 19.44 8.51 3.81
CA ILE A 21 18.46 8.91 2.80
C ILE A 21 18.69 10.39 2.52
N SER A 22 18.87 10.71 1.24
CA SER A 22 19.06 12.09 0.79
C SER A 22 17.76 12.73 0.35
N CYS A 23 17.61 14.02 0.64
CA CYS A 23 16.47 14.81 0.19
C CYS A 23 16.97 16.12 -0.41
N LYS A 24 16.65 16.34 -1.68
CA LYS A 24 17.00 17.59 -2.37
C LYS A 24 15.75 18.44 -2.60
N SER A 25 15.82 19.70 -2.16
CA SER A 25 14.76 20.66 -2.42
C SER A 25 15.10 21.52 -3.63
N SER A 26 14.09 21.89 -4.41
CA SER A 26 14.28 22.69 -5.63
C SER A 26 14.60 24.16 -5.33
N GLN A 27 14.26 24.60 -4.12
CA GLN A 27 14.59 25.94 -3.61
C GLN A 27 15.10 25.82 -2.17
N SER A 28 15.83 26.83 -1.71
CA SER A 28 16.45 26.80 -0.38
C SER A 28 15.43 26.78 0.76
N LEU A 29 15.70 25.95 1.77
CA LEU A 29 14.85 25.88 2.96
C LEU A 29 15.50 26.56 4.17
N LEU A 30 16.62 27.26 3.93
CA LEU A 30 17.39 27.93 4.97
C LEU A 30 16.93 29.37 5.15
N SER A 31 16.42 29.67 6.35
CA SER A 31 15.90 31.00 6.67
C SER A 31 17.03 31.98 6.97
N SER A 32 16.95 33.16 6.36
CA SER A 32 17.86 34.28 6.63
C SER A 32 17.65 34.89 8.02
N GLY A 33 16.46 34.67 8.58
CA GLY A 33 16.07 35.19 9.89
C GLY A 33 16.79 34.58 11.08
N ASN A 34 16.97 33.25 11.06
CA ASN A 34 17.54 32.52 12.18
C ASN A 34 18.56 31.44 11.83
N GLN A 35 18.84 31.30 10.53
CA GLN A 35 19.78 30.28 10.00
C GLN A 35 19.34 28.83 10.30
N LYS A 36 18.04 28.63 10.44
CA LYS A 36 17.46 27.30 10.57
C LYS A 36 16.98 26.81 9.21
N ASN A 37 17.20 25.51 8.97
CA ASN A 37 16.70 24.83 7.79
C ASN A 37 15.36 24.19 8.13
N TYR A 38 14.31 24.60 7.42
CA TYR A 38 12.96 24.11 7.72
C TYR A 38 12.62 22.87 6.91
N LEU A 39 13.30 21.79 7.27
CA LEU A 39 13.19 20.48 6.65
C LEU A 39 12.79 19.45 7.72
N THR A 40 11.80 18.63 7.37
CA THR A 40 11.24 17.65 8.29
C THR A 40 11.32 16.25 7.71
N TRP A 41 11.59 15.27 8.57
CA TRP A 41 11.59 13.84 8.21
C TRP A 41 10.49 13.08 8.95
N TYR A 42 9.78 12.23 8.21
CA TYR A 42 8.77 11.33 8.77
C TYR A 42 9.08 9.88 8.41
N LEU A 43 8.60 8.96 9.25
CA LEU A 43 8.51 7.54 8.92
C LEU A 43 7.05 7.12 8.92
N GLN A 44 6.65 6.42 7.87
CA GLN A 44 5.35 5.76 7.85
C GLN A 44 5.57 4.24 7.78
N LYS A 45 5.35 3.59 8.92
CA LYS A 45 5.43 2.14 9.03
C LYS A 45 4.24 1.51 8.31
N PRO A 46 4.38 0.24 7.83
CA PRO A 46 3.27 -0.42 7.13
C PRO A 46 1.95 -0.39 7.92
N GLY A 47 0.90 0.08 7.25
CA GLY A 47 -0.46 0.15 7.83
C GLY A 47 -0.70 1.17 8.94
N GLN A 48 0.25 2.09 9.14
CA GLN A 48 0.16 3.08 10.22
C GLN A 48 0.11 4.53 9.69
N SER A 49 -0.32 5.44 10.55
CA SER A 49 -0.19 6.88 10.31
C SER A 49 1.30 7.27 10.32
N PRO A 50 1.68 8.30 9.54
CA PRO A 50 3.08 8.81 9.60
C PRO A 50 3.48 9.29 11.00
N GLN A 51 4.77 9.19 11.30
CA GLN A 51 5.34 9.62 12.58
C GLN A 51 6.45 10.63 12.34
N LEU A 52 6.46 11.69 13.12
CA LEU A 52 7.53 12.69 13.08
C LEU A 52 8.85 12.14 13.62
N LEU A 53 9.92 12.33 12.86
CA LEU A 53 11.26 11.92 13.29
C LEU A 53 12.14 13.09 13.65
N ILE A 54 12.30 14.00 12.68
CA ILE A 54 13.23 15.12 12.77
C ILE A 54 12.60 16.36 12.16
N TYR A 55 12.78 17.49 12.83
CA TYR A 55 12.38 18.80 12.31
C TYR A 55 13.54 19.79 12.42
N TRP A 56 13.42 20.92 11.74
CA TRP A 56 14.52 21.90 11.61
C TRP A 56 15.81 21.22 11.10
N ALA A 57 15.64 20.25 10.20
CA ALA A 57 16.72 19.44 9.59
C ALA A 57 17.52 18.53 10.54
N SER A 58 17.70 18.95 11.79
CA SER A 58 18.60 18.23 12.72
C SER A 58 18.07 17.99 14.14
N THR A 59 16.87 18.47 14.44
CA THR A 59 16.30 18.31 15.78
C THR A 59 15.38 17.07 15.84
N ARG A 60 15.75 16.11 16.68
CA ARG A 60 14.93 14.93 16.93
C ARG A 60 13.67 15.28 17.73
N GLU A 61 12.54 14.76 17.27
CA GLU A 61 11.29 14.80 18.04
C GLU A 61 11.44 13.93 19.30
N SER A 62 10.82 14.36 20.39
CA SER A 62 10.83 13.61 21.64
C SER A 62 10.30 12.19 21.44
N GLY A 63 11.05 11.20 21.91
CA GLY A 63 10.68 9.79 21.76
C GLY A 63 11.37 9.09 20.61
N VAL A 64 11.97 9.86 19.70
CA VAL A 64 12.70 9.28 18.56
C VAL A 64 14.09 8.82 19.05
N PRO A 65 14.43 7.53 18.84
CA PRO A 65 15.73 6.98 19.24
C PRO A 65 16.92 7.76 18.67
N ASP A 66 18.01 7.83 19.42
CA ASP A 66 19.17 8.64 19.05
C ASP A 66 19.96 8.14 17.81
N ARG A 67 19.60 6.95 17.32
CA ARG A 67 20.16 6.41 16.08
C ARG A 67 19.78 7.25 14.85
N PHE A 68 18.69 8.00 14.98
CA PHE A 68 18.22 8.91 13.93
C PHE A 68 18.88 10.27 14.08
N SER A 69 19.51 10.74 13.01
CA SER A 69 20.07 12.08 12.97
C SER A 69 19.86 12.72 11.60
N GLY A 70 19.76 14.04 11.60
CA GLY A 70 19.61 14.80 10.37
C GLY A 70 20.71 15.83 10.21
N SER A 71 21.12 16.05 8.97
CA SER A 71 22.13 17.05 8.62
C SER A 71 21.80 17.66 7.26
N GLY A 72 22.58 18.69 6.90
CA GLY A 72 22.41 19.36 5.62
C GLY A 72 22.10 20.83 5.74
N SER A 73 22.08 21.49 4.59
CA SER A 73 21.93 22.94 4.50
C SER A 73 21.33 23.33 3.16
N GLY A 74 20.47 24.35 3.19
CA GLY A 74 19.95 24.99 1.98
C GLY A 74 19.01 24.10 1.19
N THR A 75 19.60 23.33 0.27
CA THR A 75 18.81 22.48 -0.65
C THR A 75 19.09 20.98 -0.53
N ASP A 76 20.09 20.61 0.25
CA ASP A 76 20.50 19.22 0.37
C ASP A 76 20.56 18.74 1.81
N PHE A 77 19.85 17.64 2.07
CA PHE A 77 19.66 17.14 3.43
C PHE A 77 19.79 15.63 3.48
N THR A 78 20.21 15.12 4.63
CA THR A 78 20.43 13.69 4.82
C THR A 78 19.89 13.23 6.16
N LEU A 79 19.01 12.23 6.11
CA LEU A 79 18.63 11.47 7.28
C LEU A 79 19.59 10.30 7.40
N LYS A 80 20.21 10.18 8.57
CA LYS A 80 21.09 9.06 8.88
C LYS A 80 20.53 8.22 10.03
N ILE A 81 20.51 6.91 9.81
CA ILE A 81 20.24 5.94 10.87
C ILE A 81 21.58 5.24 11.13
N SER A 82 22.11 5.43 12.33
CA SER A 82 23.47 4.98 12.67
C SER A 82 23.59 3.46 12.69
N ARG A 83 22.49 2.80 13.07
CA ARG A 83 22.43 1.36 13.25
C ARG A 83 20.95 0.98 13.08
N VAL A 84 20.61 0.43 11.91
CA VAL A 84 19.21 0.15 11.54
C VAL A 84 18.63 -1.02 12.33
N GLU A 85 17.42 -0.82 12.86
CA GLU A 85 16.66 -1.85 13.54
C GLU A 85 15.58 -2.41 12.60
N ALA A 86 15.11 -3.62 12.90
CA ALA A 86 14.04 -4.27 12.12
C ALA A 86 12.76 -3.44 12.07
N GLU A 87 12.45 -2.74 13.17
CA GLU A 87 11.26 -1.90 13.28
C GLU A 87 11.36 -0.56 12.52
N ASP A 88 12.52 -0.29 11.91
CA ASP A 88 12.73 0.91 11.10
C ASP A 88 12.19 0.80 9.66
N VAL A 89 11.70 -0.39 9.29
CA VAL A 89 11.13 -0.61 7.94
C VAL A 89 9.86 0.20 7.70
N GLY A 90 9.73 0.66 6.46
CA GLY A 90 8.61 1.51 6.07
C GLY A 90 9.08 2.55 5.08
N VAL A 91 8.28 3.61 4.92
CA VAL A 91 8.58 4.65 3.95
C VAL A 91 8.91 5.95 4.68
N TYR A 92 10.07 6.50 4.34
CA TYR A 92 10.55 7.75 4.91
C TYR A 92 10.25 8.89 3.96
N TYR A 93 9.69 9.97 4.51
CA TYR A 93 9.34 11.16 3.74
C TYR A 93 10.04 12.38 4.29
N CYS A 94 10.67 13.15 3.40
CA CYS A 94 11.04 14.52 3.77
C CYS A 94 9.91 15.48 3.41
N GLN A 95 9.92 16.65 4.04
CA GLN A 95 8.89 17.65 3.81
C GLN A 95 9.48 19.05 3.89
N ASN A 96 9.09 19.89 2.93
CA ASN A 96 9.32 21.33 2.97
C ASN A 96 8.37 21.94 4.00
N ASP A 97 8.95 22.46 5.08
CA ASP A 97 8.20 23.19 6.09
C ASP A 97 8.68 24.64 6.22
N TYR A 98 9.18 25.15 5.10
CA TYR A 98 9.70 26.51 4.99
C TYR A 98 8.64 27.48 4.46
N THR A 99 7.96 27.07 3.40
CA THR A 99 6.96 27.91 2.73
C THR A 99 5.82 27.07 2.13
N TYR A 100 4.61 27.63 2.17
CA TYR A 100 3.43 26.99 1.57
C TYR A 100 3.54 26.92 0.03
N PRO A 101 3.14 25.81 -0.60
CA PRO A 101 2.56 24.62 0.04
C PRO A 101 3.60 23.68 0.65
N LEU A 102 3.20 22.96 1.70
CA LEU A 102 4.12 22.15 2.52
C LEU A 102 4.40 20.78 1.93
N THR A 103 5.09 20.79 0.79
CA THR A 103 5.27 19.63 -0.09
C THR A 103 6.10 18.50 0.51
N PHE A 104 5.65 17.26 0.27
CA PHE A 104 6.37 16.06 0.67
C PHE A 104 7.28 15.57 -0.45
N GLY A 105 8.36 14.89 -0.09
CA GLY A 105 9.12 14.06 -1.02
C GLY A 105 8.31 12.85 -1.46
N GLN A 106 8.79 12.15 -2.49
CA GLN A 106 8.08 10.99 -3.04
C GLN A 106 8.14 9.75 -2.13
N GLY A 107 9.06 9.77 -1.17
CA GLY A 107 9.25 8.67 -0.23
C GLY A 107 10.37 7.73 -0.61
N THR A 108 11.01 7.17 0.41
CA THR A 108 12.06 6.17 0.27
C THR A 108 11.66 4.95 1.10
N LYS A 109 11.50 3.81 0.44
CA LYS A 109 11.15 2.56 1.12
C LYS A 109 12.40 1.91 1.69
N LEU A 110 12.45 1.80 3.02
CA LEU A 110 13.51 1.07 3.70
C LEU A 110 13.01 -0.36 3.92
N GLU A 111 13.77 -1.30 3.39
CA GLU A 111 13.46 -2.73 3.47
C GLU A 111 14.67 -3.52 3.97
N ILE A 112 14.42 -4.74 4.43
CA ILE A 112 15.49 -5.63 4.88
C ILE A 112 16.23 -6.23 3.69
N LYS A 113 17.54 -6.00 3.66
CA LYS A 113 18.42 -6.66 2.70
C LYS A 113 18.71 -8.09 3.16
N ARG A 114 18.57 -9.02 2.24
CA ARG A 114 18.96 -10.41 2.46
C ARG A 114 19.61 -10.98 1.20
N THR A 115 20.06 -12.23 1.27
CA THR A 115 20.61 -12.94 0.10
C THR A 115 19.54 -13.09 -0.97
N VAL A 116 19.98 -12.99 -2.22
CA VAL A 116 19.11 -13.14 -3.38
C VAL A 116 18.45 -14.52 -3.37
N ALA A 117 17.14 -14.53 -3.55
CA ALA A 117 16.38 -15.77 -3.69
C ALA A 117 15.53 -15.68 -4.95
N ALA A 118 15.75 -16.63 -5.87
CA ALA A 118 14.94 -16.76 -7.09
C ALA A 118 13.51 -17.14 -6.72
N PRO A 119 12.50 -16.63 -7.48
CA PRO A 119 11.13 -17.05 -7.17
C PRO A 119 10.85 -18.50 -7.56
N SER A 120 10.08 -19.19 -6.71
CA SER A 120 9.43 -20.42 -7.11
C SER A 120 8.21 -20.01 -7.93
N VAL A 121 8.18 -20.41 -9.20
CA VAL A 121 7.13 -19.97 -10.12
C VAL A 121 6.09 -21.05 -10.32
N PHE A 122 4.85 -20.72 -9.99
CA PHE A 122 3.71 -21.62 -10.12
C PHE A 122 2.62 -21.00 -10.98
N ILE A 123 1.93 -21.83 -11.75
CA ILE A 123 0.81 -21.37 -12.57
C ILE A 123 -0.47 -22.14 -12.25
N PHE A 124 -1.58 -21.40 -12.16
CA PHE A 124 -2.90 -21.96 -11.86
C PHE A 124 -3.86 -21.65 -13.00
N PRO A 125 -4.33 -22.71 -13.71
CA PRO A 125 -5.45 -22.53 -14.64
C PRO A 125 -6.72 -22.12 -13.90
N PRO A 126 -7.71 -21.53 -14.60
CA PRO A 126 -8.98 -21.26 -13.93
C PRO A 126 -9.64 -22.55 -13.44
N SER A 127 -10.34 -22.45 -12.31
CA SER A 127 -11.16 -23.53 -11.78
C SER A 127 -12.31 -23.83 -12.74
N ASP A 128 -12.78 -25.07 -12.74
CA ASP A 128 -13.98 -25.46 -13.49
C ASP A 128 -15.21 -24.65 -13.06
N GLU A 129 -15.31 -24.40 -11.75
CA GLU A 129 -16.38 -23.59 -11.17
C GLU A 129 -16.43 -22.18 -11.77
N GLN A 130 -15.27 -21.54 -11.92
CA GLN A 130 -15.21 -20.21 -12.52
C GLN A 130 -15.53 -20.21 -14.00
N LEU A 131 -14.97 -21.18 -14.73
CA LEU A 131 -15.22 -21.32 -16.17
C LEU A 131 -16.71 -21.48 -16.48
N LYS A 132 -17.39 -22.29 -15.68
CA LYS A 132 -18.85 -22.49 -15.77
C LYS A 132 -19.65 -21.20 -15.65
N SER A 133 -19.15 -20.27 -14.82
CA SER A 133 -19.78 -18.96 -14.64
C SER A 133 -19.48 -17.98 -15.77
N GLY A 134 -18.48 -18.28 -16.59
CA GLY A 134 -18.19 -17.51 -17.81
C GLY A 134 -16.91 -16.68 -17.84
N THR A 135 -16.06 -16.85 -16.83
CA THR A 135 -14.82 -16.08 -16.72
C THR A 135 -13.64 -17.03 -16.48
N ALA A 136 -12.47 -16.63 -16.97
CA ALA A 136 -11.24 -17.37 -16.73
C ALA A 136 -10.18 -16.45 -16.14
N SER A 137 -9.85 -16.71 -14.88
CA SER A 137 -8.72 -16.05 -14.24
C SER A 137 -7.56 -17.03 -14.22
N VAL A 138 -6.43 -16.61 -14.80
CA VAL A 138 -5.21 -17.41 -14.81
C VAL A 138 -4.21 -16.73 -13.88
N VAL A 139 -3.74 -17.48 -12.88
CA VAL A 139 -2.87 -16.91 -11.85
C VAL A 139 -1.45 -17.47 -11.94
N CYS A 140 -0.50 -16.56 -12.10
CA CYS A 140 0.92 -16.87 -12.00
C CYS A 140 1.43 -16.37 -10.65
N LEU A 141 1.98 -17.30 -9.88
CA LEU A 141 2.52 -16.99 -8.56
C LEU A 141 4.05 -17.06 -8.55
N LEU A 142 4.67 -15.98 -8.09
CA LEU A 142 6.09 -15.93 -7.82
C LEU A 142 6.22 -15.94 -6.30
N ASN A 143 6.74 -17.03 -5.76
CA ASN A 143 6.74 -17.21 -4.31
C ASN A 143 8.11 -17.11 -3.67
N ASN A 144 8.16 -16.40 -2.55
CA ASN A 144 9.33 -16.31 -1.66
C ASN A 144 10.63 -15.90 -2.35
N PHE A 145 10.60 -14.72 -2.97
CA PHE A 145 11.77 -14.20 -3.68
C PHE A 145 12.34 -12.93 -3.05
N TYR A 146 13.61 -12.67 -3.34
CA TYR A 146 14.27 -11.43 -2.99
C TYR A 146 15.35 -11.11 -4.05
N PRO A 147 15.45 -9.86 -4.55
CA PRO A 147 14.67 -8.69 -4.11
C PRO A 147 13.29 -8.58 -4.72
N ARG A 148 12.60 -7.49 -4.40
CA ARG A 148 11.21 -7.23 -4.80
C ARG A 148 11.01 -7.08 -6.31
N GLU A 149 12.02 -6.54 -6.99
CA GLU A 149 11.95 -6.23 -8.42
C GLU A 149 11.79 -7.50 -9.24
N ALA A 150 10.73 -7.54 -10.04
CA ALA A 150 10.41 -8.68 -10.92
C ALA A 150 9.63 -8.21 -12.13
N LYS A 151 9.87 -8.87 -13.26
CA LYS A 151 9.11 -8.62 -14.48
C LYS A 151 8.33 -9.88 -14.87
N VAL A 152 7.03 -9.70 -15.05
CA VAL A 152 6.13 -10.80 -15.43
C VAL A 152 5.37 -10.41 -16.69
N GLN A 153 5.56 -11.18 -17.75
CA GLN A 153 4.84 -10.98 -19.00
C GLN A 153 4.01 -12.21 -19.35
N TRP A 154 2.81 -11.98 -19.85
CA TRP A 154 1.91 -13.05 -20.27
C TRP A 154 2.01 -13.26 -21.76
N LYS A 155 2.15 -14.52 -22.16
CA LYS A 155 2.09 -14.91 -23.56
C LYS A 155 1.04 -16.00 -23.75
N VAL A 156 0.15 -15.75 -24.71
CA VAL A 156 -0.94 -16.68 -25.03
C VAL A 156 -0.75 -17.08 -26.48
N ASP A 157 -0.51 -18.37 -26.70
CA ASP A 157 -0.06 -18.92 -28.01
C ASP A 157 1.10 -18.09 -28.61
N ASN A 158 2.10 -17.84 -27.76
CA ASN A 158 3.30 -17.04 -28.05
C ASN A 158 3.05 -15.55 -28.39
N ALA A 159 1.81 -15.10 -28.23
CA ALA A 159 1.46 -13.70 -28.43
C ALA A 159 1.47 -12.95 -27.11
N LEU A 160 2.32 -11.92 -27.04
CA LEU A 160 2.46 -11.07 -25.86
C LEU A 160 1.16 -10.32 -25.55
N GLN A 161 0.77 -10.36 -24.28
CA GLN A 161 -0.46 -9.71 -23.81
C GLN A 161 -0.16 -8.33 -23.26
N SER A 162 -1.19 -7.49 -23.20
CA SER A 162 -1.14 -6.18 -22.53
C SER A 162 -2.53 -5.73 -22.11
N GLY A 163 -2.64 -5.19 -20.90
CA GLY A 163 -3.89 -4.60 -20.40
C GLY A 163 -4.93 -5.55 -19.82
N ASN A 164 -4.63 -6.84 -19.81
CA ASN A 164 -5.57 -7.84 -19.29
C ASN A 164 -5.04 -8.61 -18.06
N SER A 165 -3.96 -8.10 -17.48
CA SER A 165 -3.38 -8.67 -16.26
C SER A 165 -3.17 -7.60 -15.18
N GLN A 166 -3.19 -8.03 -13.92
CA GLN A 166 -2.92 -7.16 -12.77
C GLN A 166 -1.97 -7.85 -11.81
N GLU A 167 -1.11 -7.05 -11.18
CA GLU A 167 -0.13 -7.55 -10.23
C GLU A 167 -0.44 -7.12 -8.80
N SER A 168 -0.15 -8.01 -7.87
CA SER A 168 -0.15 -7.69 -6.44
C SER A 168 1.08 -8.29 -5.79
N VAL A 169 1.69 -7.52 -4.89
CA VAL A 169 2.88 -7.94 -4.17
C VAL A 169 2.60 -7.85 -2.67
N THR A 170 2.99 -8.88 -1.93
CA THR A 170 2.90 -8.86 -0.46
C THR A 170 3.94 -7.90 0.12
N GLU A 171 3.68 -7.44 1.34
CA GLU A 171 4.71 -6.72 2.10
C GLU A 171 5.80 -7.72 2.50
N GLN A 172 7.02 -7.22 2.70
CA GLN A 172 8.17 -8.07 3.02
C GLN A 172 7.87 -8.99 4.21
N ASP A 173 8.13 -10.28 4.03
CA ASP A 173 7.79 -11.30 5.03
C ASP A 173 8.60 -11.07 6.31
N SER A 174 7.90 -11.12 7.44
CA SER A 174 8.50 -10.84 8.75
C SER A 174 9.56 -11.87 9.15
N LYS A 175 9.37 -13.12 8.73
CA LYS A 175 10.25 -14.23 9.08
C LYS A 175 11.48 -14.32 8.17
N ASP A 176 11.26 -14.42 6.86
CA ASP A 176 12.34 -14.72 5.91
C ASP A 176 12.75 -13.58 4.97
N SER A 177 12.13 -12.40 5.16
CA SER A 177 12.43 -11.17 4.40
C SER A 177 12.21 -11.27 2.89
N THR A 178 11.36 -12.21 2.47
CA THR A 178 11.04 -12.39 1.06
C THR A 178 9.74 -11.71 0.66
N TYR A 179 9.51 -11.65 -0.65
CA TYR A 179 8.29 -11.15 -1.24
C TYR A 179 7.61 -12.26 -2.01
N SER A 180 6.31 -12.13 -2.18
CA SER A 180 5.55 -12.94 -3.12
C SER A 180 4.76 -12.02 -4.05
N LEU A 181 4.55 -12.48 -5.28
CA LEU A 181 3.87 -11.71 -6.31
C LEU A 181 2.86 -12.58 -7.04
N SER A 182 1.66 -12.02 -7.24
CA SER A 182 0.66 -12.66 -8.09
C SER A 182 0.45 -11.83 -9.34
N SER A 183 0.40 -12.50 -10.48
CA SER A 183 -0.03 -11.88 -11.73
C SER A 183 -1.25 -12.65 -12.20
N THR A 184 -2.36 -11.93 -12.32
CA THR A 184 -3.64 -12.53 -12.66
C THR A 184 -4.10 -12.04 -14.02
N LEU A 185 -4.23 -12.98 -14.95
CA LEU A 185 -4.72 -12.71 -16.31
C LEU A 185 -6.20 -13.02 -16.36
N THR A 186 -7.00 -12.02 -16.74
CA THR A 186 -8.46 -12.19 -16.82
C THR A 186 -8.94 -12.17 -18.27
N LEU A 187 -9.64 -13.25 -18.65
CA LEU A 187 -10.27 -13.38 -19.96
C LEU A 187 -11.70 -13.87 -19.76
N SER A 188 -12.57 -13.56 -20.71
CA SER A 188 -13.88 -14.20 -20.80
C SER A 188 -13.68 -15.68 -21.18
N LYS A 189 -14.67 -16.51 -20.86
CA LYS A 189 -14.64 -17.95 -21.18
C LYS A 189 -14.39 -18.22 -22.67
N ALA A 190 -15.07 -17.47 -23.53
CA ALA A 190 -14.93 -17.60 -24.98
C ALA A 190 -13.52 -17.24 -25.47
N ASP A 191 -12.98 -16.13 -24.96
CA ASP A 191 -11.62 -15.70 -25.30
C ASP A 191 -10.59 -16.72 -24.82
N TYR A 192 -10.79 -17.24 -23.61
CA TYR A 192 -9.94 -18.27 -23.03
C TYR A 192 -9.90 -19.55 -23.86
N GLU A 193 -11.05 -19.98 -24.34
CA GLU A 193 -11.18 -21.23 -25.09
C GLU A 193 -10.77 -21.14 -26.57
N LYS A 194 -10.44 -19.93 -27.02
CA LYS A 194 -9.89 -19.70 -28.36
C LYS A 194 -8.42 -20.11 -28.48
N HIS A 195 -7.75 -20.28 -27.33
CA HIS A 195 -6.29 -20.43 -27.30
C HIS A 195 -5.81 -21.66 -26.51
N LYS A 196 -4.61 -22.11 -26.83
CA LYS A 196 -4.04 -23.35 -26.28
C LYS A 196 -3.04 -23.10 -25.14
N VAL A 197 -1.95 -22.40 -25.45
CA VAL A 197 -0.79 -22.29 -24.55
C VAL A 197 -0.88 -20.99 -23.74
N TYR A 198 -0.86 -21.13 -22.41
CA TYR A 198 -0.88 -19.99 -21.50
C TYR A 198 0.42 -19.97 -20.72
N ALA A 199 1.17 -18.89 -20.92
CA ALA A 199 2.55 -18.81 -20.44
C ALA A 199 2.82 -17.55 -19.63
N CYS A 200 3.48 -17.75 -18.50
CA CYS A 200 3.95 -16.69 -17.62
C CYS A 200 5.47 -16.62 -17.74
N GLU A 201 5.98 -15.51 -18.29
CA GLU A 201 7.42 -15.30 -18.44
C GLU A 201 7.94 -14.40 -17.33
N VAL A 202 8.92 -14.91 -16.59
CA VAL A 202 9.41 -14.28 -15.36
C VAL A 202 10.88 -13.88 -15.47
N THR A 203 11.15 -12.61 -15.13
CA THR A 203 12.52 -12.06 -15.05
C THR A 203 12.79 -11.61 -13.62
N HIS A 204 13.90 -12.10 -13.05
CA HIS A 204 14.33 -11.78 -11.70
C HIS A 204 15.84 -11.97 -11.55
N GLN A 205 16.45 -11.17 -10.66
CA GLN A 205 17.90 -11.23 -10.36
C GLN A 205 18.42 -12.64 -10.03
N GLY A 206 17.61 -13.42 -9.33
CA GLY A 206 17.95 -14.79 -8.94
C GLY A 206 17.94 -15.81 -10.07
N LEU A 207 17.38 -15.43 -11.21
CA LEU A 207 17.29 -16.29 -12.38
C LEU A 207 18.32 -15.88 -13.43
N SER A 208 19.12 -16.86 -13.87
CA SER A 208 20.20 -16.65 -14.85
C SER A 208 19.68 -16.26 -16.24
N SER A 209 18.47 -16.74 -16.57
CA SER A 209 17.79 -16.45 -17.82
C SER A 209 16.29 -16.25 -17.54
N PRO A 210 15.58 -15.45 -18.37
CA PRO A 210 14.11 -15.40 -18.26
C PRO A 210 13.46 -16.79 -18.30
N VAL A 211 12.49 -17.01 -17.41
CA VAL A 211 11.91 -18.32 -17.13
C VAL A 211 10.42 -18.34 -17.53
N THR A 212 10.00 -19.40 -18.22
CA THR A 212 8.61 -19.54 -18.68
C THR A 212 7.87 -20.72 -18.03
N LYS A 213 6.85 -20.40 -17.24
CA LYS A 213 5.92 -21.39 -16.67
C LYS A 213 4.64 -21.39 -17.50
N SER A 214 4.27 -22.55 -18.02
CA SER A 214 3.14 -22.64 -18.96
C SER A 214 2.28 -23.89 -18.78
N PHE A 215 1.06 -23.83 -19.33
CA PHE A 215 0.18 -24.99 -19.45
C PHE A 215 -0.62 -24.94 -20.74
N ASN A 216 -1.07 -26.11 -21.20
CA ASN A 216 -2.03 -26.22 -22.29
C ASN A 216 -3.43 -26.27 -21.70
N ARG A 217 -4.31 -25.40 -22.17
CA ARG A 217 -5.70 -25.35 -21.69
C ARG A 217 -6.36 -26.71 -21.85
N GLY A 218 -6.99 -27.18 -20.77
CA GLY A 218 -7.66 -28.48 -20.75
C GLY A 218 -6.80 -29.66 -20.32
N GLU A 219 -5.58 -29.38 -19.85
CA GLU A 219 -4.66 -30.40 -19.35
C GLU A 219 -4.40 -30.23 -17.86
N GLU B 1 -2.80 13.39 27.38
CA GLU B 1 -2.19 13.12 26.04
C GLU B 1 -2.97 13.78 24.90
N VAL B 2 -2.23 14.32 23.93
CA VAL B 2 -2.78 14.94 22.73
C VAL B 2 -3.34 13.84 21.82
N GLN B 3 -4.57 14.03 21.35
CA GLN B 3 -5.18 13.10 20.40
C GLN B 3 -6.00 13.81 19.33
N LEU B 4 -5.84 13.35 18.09
CA LEU B 4 -6.69 13.75 16.98
C LEU B 4 -7.48 12.54 16.54
N VAL B 5 -8.80 12.66 16.59
CA VAL B 5 -9.71 11.58 16.22
C VAL B 5 -10.49 11.97 14.96
N GLN B 6 -10.31 11.16 13.93
CA GLN B 6 -10.96 11.37 12.65
C GLN B 6 -12.26 10.58 12.54
N SER B 7 -13.16 11.08 11.70
CA SER B 7 -14.42 10.42 11.40
C SER B 7 -14.22 9.09 10.66
N GLY B 8 -15.25 8.24 10.66
CA GLY B 8 -15.17 6.88 10.12
C GLY B 8 -15.11 6.75 8.62
N ALA B 9 -14.76 5.56 8.15
CA ALA B 9 -14.62 5.26 6.71
C ALA B 9 -15.88 5.62 5.91
N GLU B 10 -15.67 6.11 4.69
CA GLU B 10 -16.77 6.56 3.83
C GLU B 10 -16.75 5.85 2.48
N VAL B 11 -17.92 5.40 2.05
CA VAL B 11 -18.12 4.86 0.71
C VAL B 11 -19.19 5.73 0.04
N LYS B 12 -18.79 6.39 -1.05
CA LYS B 12 -19.65 7.34 -1.75
C LYS B 12 -19.64 7.15 -3.27
N LYS B 13 -20.70 7.62 -3.93
CA LYS B 13 -20.81 7.66 -5.38
C LYS B 13 -20.21 8.95 -5.95
N PRO B 14 -19.67 8.91 -7.20
CA PRO B 14 -19.19 10.13 -7.84
C PRO B 14 -20.28 11.21 -7.97
N GLY B 15 -19.91 12.45 -7.68
CA GLY B 15 -20.85 13.58 -7.72
C GLY B 15 -21.48 13.91 -6.38
N GLU B 16 -21.41 12.99 -5.43
CA GLU B 16 -21.94 13.21 -4.08
C GLU B 16 -21.06 14.15 -3.27
N SER B 17 -21.67 14.83 -2.30
CA SER B 17 -20.95 15.67 -1.34
C SER B 17 -20.45 14.83 -0.17
N LEU B 18 -19.40 15.32 0.48
CA LEU B 18 -18.83 14.65 1.65
C LEU B 18 -18.10 15.64 2.54
N ARG B 19 -18.34 15.50 3.85
CA ARG B 19 -17.52 16.17 4.87
C ARG B 19 -16.92 15.13 5.81
N ILE B 20 -15.60 15.20 5.99
CA ILE B 20 -14.88 14.40 6.98
C ILE B 20 -14.33 15.34 8.06
N SER B 21 -14.17 14.80 9.27
CA SER B 21 -13.84 15.62 10.44
C SER B 21 -12.60 15.15 11.20
N CYS B 22 -12.01 16.08 11.93
CA CYS B 22 -10.84 15.82 12.76
C CYS B 22 -11.05 16.59 14.07
N LYS B 23 -11.26 15.84 15.16
CA LYS B 23 -11.50 16.43 16.48
C LYS B 23 -10.27 16.31 17.37
N GLY B 24 -9.85 17.44 17.93
CA GLY B 24 -8.65 17.49 18.76
C GLY B 24 -8.96 17.56 20.24
N SER B 25 -8.26 16.76 21.03
CA SER B 25 -8.39 16.75 22.49
C SER B 25 -7.03 16.74 23.19
N GLY B 26 -7.03 17.16 24.46
CA GLY B 26 -5.82 17.19 25.30
C GLY B 26 -4.91 18.40 25.08
N TYR B 27 -5.45 19.43 24.44
CA TYR B 27 -4.73 20.69 24.18
C TYR B 27 -5.74 21.78 23.79
N THR B 28 -5.27 23.03 23.72
CA THR B 28 -6.09 24.15 23.28
C THR B 28 -6.21 24.14 21.75
N PHE B 29 -7.37 23.72 21.25
CA PHE B 29 -7.59 23.47 19.81
C PHE B 29 -7.35 24.69 18.93
N ILE B 30 -7.72 25.87 19.41
CA ILE B 30 -7.63 27.10 18.63
C ILE B 30 -6.20 27.56 18.30
N THR B 31 -5.22 27.03 19.04
CA THR B 31 -3.84 27.52 19.01
C THR B 31 -2.87 26.75 18.08
N TYR B 32 -3.32 25.61 17.55
CA TYR B 32 -2.49 24.83 16.63
C TYR B 32 -3.17 24.64 15.28
N TRP B 33 -2.36 24.61 14.23
CA TRP B 33 -2.84 24.37 12.87
C TRP B 33 -3.24 22.91 12.67
N ILE B 34 -4.36 22.70 12.00
CA ILE B 34 -4.78 21.36 11.56
C ILE B 34 -4.44 21.21 10.08
N GLU B 35 -3.63 20.20 9.79
CA GLU B 35 -3.14 19.92 8.44
C GLU B 35 -3.92 18.76 7.84
N TRP B 36 -4.18 18.84 6.54
CA TRP B 36 -4.83 17.75 5.81
C TRP B 36 -3.89 17.16 4.77
N VAL B 37 -3.78 15.83 4.79
CA VAL B 37 -2.85 15.09 3.93
C VAL B 37 -3.58 13.93 3.23
N ARG B 38 -3.42 13.86 1.91
CA ARG B 38 -3.98 12.77 1.09
C ARG B 38 -2.95 11.68 0.82
N GLN B 39 -3.40 10.43 0.87
CA GLN B 39 -2.60 9.30 0.43
C GLN B 39 -3.46 8.36 -0.41
N MET B 40 -3.28 8.42 -1.73
CA MET B 40 -3.97 7.53 -2.66
C MET B 40 -3.47 6.09 -2.49
N PRO B 41 -4.30 5.07 -2.79
CA PRO B 41 -3.87 3.68 -2.52
C PRO B 41 -2.51 3.33 -3.12
N GLY B 42 -1.58 2.90 -2.26
CA GLY B 42 -0.22 2.53 -2.65
C GLY B 42 0.70 3.67 -3.05
N LYS B 43 0.27 4.90 -2.82
CA LYS B 43 1.03 6.09 -3.24
C LYS B 43 1.60 6.86 -2.03
N GLY B 44 2.34 7.92 -2.32
CA GLY B 44 2.96 8.76 -1.30
C GLY B 44 2.02 9.76 -0.66
N LEU B 45 2.55 10.53 0.30
CA LEU B 45 1.78 11.56 0.99
C LEU B 45 1.69 12.84 0.17
N GLU B 46 0.51 13.45 0.18
CA GLU B 46 0.26 14.70 -0.54
C GLU B 46 -0.32 15.72 0.42
N TRP B 47 0.35 16.86 0.56
CA TRP B 47 -0.17 17.94 1.40
C TRP B 47 -1.29 18.69 0.67
N MET B 48 -2.43 18.81 1.35
CA MET B 48 -3.63 19.42 0.76
C MET B 48 -3.85 20.86 1.21
N GLY B 49 -3.75 21.09 2.51
CA GLY B 49 -4.03 22.39 3.09
C GLY B 49 -4.05 22.37 4.60
N ASP B 50 -4.21 23.55 5.19
CA ASP B 50 -4.37 23.67 6.64
C ASP B 50 -5.29 24.80 7.09
N ILE B 51 -5.57 24.82 8.39
CA ILE B 51 -6.44 25.81 9.00
C ILE B 51 -6.01 26.03 10.46
N LEU B 52 -6.03 27.29 10.89
CA LEU B 52 -5.96 27.63 12.30
C LEU B 52 -7.39 27.81 12.81
N PRO B 53 -7.88 26.88 13.64
CA PRO B 53 -9.28 26.86 14.08
C PRO B 53 -9.76 28.13 14.79
N GLY B 54 -8.85 28.79 15.52
CA GLY B 54 -9.17 30.03 16.24
C GLY B 54 -9.58 31.20 15.37
N SER B 55 -8.94 31.33 14.21
CA SER B 55 -9.16 32.45 13.30
C SER B 55 -9.87 32.04 12.02
N GLY B 56 -9.80 30.75 11.69
CA GLY B 56 -10.32 30.23 10.43
C GLY B 56 -9.42 30.51 9.24
N SER B 57 -8.21 31.02 9.50
CA SER B 57 -7.22 31.29 8.45
C SER B 57 -6.81 29.97 7.78
N THR B 58 -6.80 29.96 6.45
CA THR B 58 -6.48 28.75 5.69
C THR B 58 -5.31 28.94 4.73
N ASN B 59 -4.63 27.82 4.42
CA ASN B 59 -3.70 27.74 3.30
C ASN B 59 -4.05 26.48 2.51
N TYR B 60 -4.01 26.59 1.18
CA TYR B 60 -4.28 25.48 0.29
C TYR B 60 -3.12 25.26 -0.66
N SER B 61 -2.84 23.99 -0.96
CA SER B 61 -2.08 23.63 -2.14
C SER B 61 -2.89 24.05 -3.37
N PRO B 62 -2.25 24.76 -4.32
CA PRO B 62 -2.95 25.11 -5.58
C PRO B 62 -3.50 23.89 -6.34
N SER B 63 -2.93 22.71 -6.05
CA SER B 63 -3.38 21.44 -6.64
C SER B 63 -4.75 20.96 -6.14
N PHE B 64 -5.15 21.41 -4.95
CA PHE B 64 -6.42 21.01 -4.32
C PHE B 64 -7.46 22.13 -4.21
N GLN B 65 -7.00 23.37 -4.37
CA GLN B 65 -7.85 24.57 -4.28
C GLN B 65 -8.96 24.55 -5.32
N GLY B 66 -10.19 24.82 -4.87
CA GLY B 66 -11.37 24.78 -5.73
C GLY B 66 -12.19 23.50 -5.60
N HIS B 67 -11.53 22.37 -5.42
CA HIS B 67 -12.19 21.06 -5.30
C HIS B 67 -12.54 20.69 -3.86
N VAL B 68 -11.75 21.20 -2.92
CA VAL B 68 -11.96 20.96 -1.47
C VAL B 68 -12.10 22.28 -0.71
N THR B 69 -12.85 22.24 0.39
CA THR B 69 -12.87 23.35 1.35
C THR B 69 -12.54 22.84 2.74
N ILE B 70 -11.56 23.49 3.36
CA ILE B 70 -11.16 23.23 4.73
C ILE B 70 -11.82 24.29 5.62
N SER B 71 -12.45 23.84 6.69
CA SER B 71 -13.11 24.72 7.66
C SER B 71 -12.96 24.17 9.08
N ALA B 72 -13.35 24.97 10.07
CA ALA B 72 -13.28 24.56 11.47
C ALA B 72 -14.43 25.16 12.28
N ASP B 73 -14.86 24.39 13.27
CA ASP B 73 -15.81 24.87 14.28
C ASP B 73 -15.10 24.83 15.63
N LYS B 74 -14.65 26.01 16.08
CA LYS B 74 -13.89 26.15 17.32
C LYS B 74 -14.69 25.84 18.59
N SER B 75 -16.02 25.97 18.50
CA SER B 75 -16.92 25.69 19.63
C SER B 75 -16.93 24.21 20.03
N ILE B 76 -16.61 23.33 19.08
CA ILE B 76 -16.60 21.88 19.31
C ILE B 76 -15.25 21.21 19.02
N SER B 77 -14.20 22.04 18.93
CA SER B 77 -12.81 21.59 18.71
C SER B 77 -12.64 20.63 17.52
N THR B 78 -13.29 20.98 16.41
CA THR B 78 -13.31 20.13 15.23
C THR B 78 -12.92 20.90 13.97
N ALA B 79 -12.09 20.28 13.15
CA ALA B 79 -11.74 20.77 11.82
C ALA B 79 -12.33 19.84 10.77
N TYR B 80 -12.59 20.41 9.59
CA TYR B 80 -13.28 19.69 8.51
C TYR B 80 -12.55 19.78 7.18
N LEU B 81 -12.75 18.76 6.36
CA LEU B 81 -12.38 18.76 4.96
C LEU B 81 -13.61 18.33 4.19
N GLN B 82 -14.03 19.14 3.22
CA GLN B 82 -15.25 18.82 2.47
C GLN B 82 -15.18 19.00 0.95
N TRP B 83 -15.97 18.17 0.27
CA TRP B 83 -16.12 18.19 -1.18
C TRP B 83 -17.57 18.51 -1.54
N SER B 84 -17.75 19.30 -2.60
CA SER B 84 -19.08 19.55 -3.17
C SER B 84 -19.53 18.42 -4.08
N SER B 85 -18.57 17.86 -4.83
CA SER B 85 -18.84 16.86 -5.85
C SER B 85 -17.64 15.92 -6.02
N LEU B 86 -17.74 14.73 -5.42
CA LEU B 86 -16.64 13.76 -5.41
C LEU B 86 -16.34 13.17 -6.79
N LYS B 87 -15.06 12.90 -7.04
CA LYS B 87 -14.59 12.19 -8.23
C LYS B 87 -14.03 10.85 -7.78
N ALA B 88 -14.02 9.87 -8.67
CA ALA B 88 -13.38 8.56 -8.41
C ALA B 88 -11.93 8.72 -7.94
N SER B 89 -11.25 9.73 -8.49
CA SER B 89 -9.86 10.08 -8.12
C SER B 89 -9.69 10.63 -6.70
N ASP B 90 -10.81 10.90 -6.00
CA ASP B 90 -10.77 11.26 -4.57
C ASP B 90 -10.66 10.05 -3.63
N THR B 91 -10.69 8.84 -4.20
CA THR B 91 -10.49 7.60 -3.43
C THR B 91 -9.07 7.59 -2.84
N ALA B 92 -9.00 7.71 -1.52
CA ALA B 92 -7.74 7.84 -0.78
C ALA B 92 -7.93 7.72 0.71
N MET B 93 -6.81 7.55 1.42
CA MET B 93 -6.76 7.77 2.87
C MET B 93 -6.49 9.26 3.10
N TYR B 94 -7.24 9.85 4.03
CA TYR B 94 -7.04 11.24 4.41
C TYR B 94 -6.63 11.35 5.87
N TYR B 95 -5.49 11.97 6.09
CA TYR B 95 -4.98 12.20 7.45
C TYR B 95 -5.13 13.65 7.83
N CYS B 96 -5.47 13.88 9.10
CA CYS B 96 -5.25 15.19 9.69
C CYS B 96 -4.05 15.11 10.63
N ALA B 97 -3.40 16.25 10.84
CA ALA B 97 -2.24 16.34 11.71
C ALA B 97 -2.22 17.69 12.42
N ARG B 98 -1.61 17.71 13.61
CA ARG B 98 -1.46 18.93 14.38
C ARG B 98 -0.07 19.53 14.15
N SER B 99 -0.04 20.84 13.96
CA SER B 99 1.19 21.53 13.59
C SER B 99 1.23 22.98 14.04
N GLY B 100 2.45 23.53 14.03
CA GLY B 100 2.64 24.97 14.08
C GLY B 100 2.45 25.57 12.69
N TYR B 101 2.53 26.89 12.61
CA TYR B 101 2.46 27.62 11.35
C TYR B 101 3.62 27.16 10.44
N TYR B 102 3.33 27.02 9.14
CA TYR B 102 4.26 26.44 8.12
C TYR B 102 4.65 24.99 8.37
N GLY B 103 4.03 24.34 9.36
CA GLY B 103 4.49 23.04 9.85
C GLY B 103 5.93 23.09 10.31
N ASN B 104 6.37 24.26 10.81
CA ASN B 104 7.78 24.58 10.99
C ASN B 104 8.56 23.60 11.88
N SER B 105 7.88 23.05 12.89
CA SER B 105 8.47 22.03 13.75
C SER B 105 7.91 20.63 13.45
N GLY B 106 7.39 20.44 12.24
CA GLY B 106 6.85 19.16 11.78
C GLY B 106 5.44 18.91 12.26
N PHE B 107 4.81 17.87 11.69
CA PHE B 107 3.49 17.44 12.11
C PHE B 107 3.70 16.37 13.18
N ALA B 108 3.56 16.77 14.44
CA ALA B 108 3.94 15.94 15.59
C ALA B 108 2.89 14.91 16.00
N TYR B 109 1.61 15.27 15.82
CA TYR B 109 0.50 14.38 16.14
C TYR B 109 -0.37 14.17 14.92
N TRP B 110 -0.74 12.92 14.68
CA TRP B 110 -1.53 12.53 13.51
C TRP B 110 -2.80 11.80 13.93
N GLY B 111 -3.87 12.03 13.17
CA GLY B 111 -5.10 11.25 13.29
C GLY B 111 -4.91 9.85 12.74
N GLN B 112 -5.90 8.99 12.96
CA GLN B 112 -5.81 7.58 12.54
C GLN B 112 -6.10 7.39 11.04
N GLY B 113 -6.51 8.48 10.39
CA GLY B 113 -6.88 8.45 8.96
C GLY B 113 -8.34 8.13 8.74
N THR B 114 -8.90 8.71 7.69
CA THR B 114 -10.24 8.36 7.19
C THR B 114 -10.11 7.82 5.77
N LEU B 115 -10.56 6.58 5.58
CA LEU B 115 -10.60 5.98 4.24
C LEU B 115 -11.85 6.44 3.51
N VAL B 116 -11.64 6.99 2.32
CA VAL B 116 -12.73 7.44 1.45
C VAL B 116 -12.64 6.65 0.15
N THR B 117 -13.71 5.90 -0.15
CA THR B 117 -13.84 5.18 -1.41
C THR B 117 -14.94 5.84 -2.24
N VAL B 118 -14.58 6.31 -3.43
CA VAL B 118 -15.54 6.93 -4.35
C VAL B 118 -15.69 6.05 -5.59
N SER B 119 -16.87 5.48 -5.76
CA SER B 119 -17.13 4.47 -6.78
C SER B 119 -18.60 4.38 -7.16
N SER B 120 -18.85 4.01 -8.42
CA SER B 120 -20.21 3.73 -8.92
C SER B 120 -20.73 2.36 -8.50
N ALA B 121 -19.84 1.51 -7.98
CA ALA B 121 -20.16 0.15 -7.55
C ALA B 121 -21.06 0.11 -6.31
N SER B 122 -21.82 -0.97 -6.18
CA SER B 122 -22.64 -1.23 -5.00
C SER B 122 -22.01 -2.36 -4.17
N THR B 123 -22.45 -2.47 -2.91
CA THR B 123 -21.98 -3.52 -1.99
C THR B 123 -22.24 -4.90 -2.61
N LYS B 124 -21.18 -5.71 -2.67
CA LYS B 124 -21.23 -7.03 -3.29
C LYS B 124 -20.28 -8.01 -2.61
N GLY B 125 -20.79 -9.20 -2.33
CA GLY B 125 -19.98 -10.29 -1.77
C GLY B 125 -19.16 -10.99 -2.83
N PRO B 126 -17.98 -11.52 -2.44
CA PRO B 126 -17.10 -12.15 -3.42
C PRO B 126 -17.54 -13.56 -3.81
N SER B 127 -17.10 -13.99 -4.99
CA SER B 127 -17.05 -15.41 -5.33
C SER B 127 -15.66 -15.92 -4.97
N VAL B 128 -15.59 -17.16 -4.50
CA VAL B 128 -14.31 -17.76 -4.08
C VAL B 128 -14.05 -19.01 -4.92
N PHE B 129 -12.90 -19.01 -5.60
CA PHE B 129 -12.51 -20.11 -6.47
C PHE B 129 -11.20 -20.76 -6.02
N PRO B 130 -11.10 -22.10 -6.15
CA PRO B 130 -9.84 -22.74 -5.75
C PRO B 130 -8.70 -22.44 -6.73
N LEU B 131 -7.51 -22.24 -6.17
CA LEU B 131 -6.27 -22.28 -6.93
C LEU B 131 -5.67 -23.65 -6.62
N ALA B 132 -6.08 -24.62 -7.43
CA ALA B 132 -5.81 -26.04 -7.20
C ALA B 132 -4.33 -26.40 -7.33
N PRO B 133 -3.78 -27.18 -6.37
CA PRO B 133 -2.40 -27.64 -6.50
C PRO B 133 -2.28 -28.71 -7.59
N SER B 134 -1.21 -28.64 -8.37
CA SER B 134 -0.94 -29.60 -9.45
C SER B 134 0.57 -29.74 -9.65
N SER B 135 0.98 -30.50 -10.67
CA SER B 135 2.38 -30.56 -11.11
C SER B 135 2.92 -29.19 -11.53
N LYS B 136 2.01 -28.31 -11.95
CA LYS B 136 2.30 -26.93 -12.34
C LYS B 136 2.47 -25.98 -11.14
N SER B 137 2.20 -26.47 -9.93
CA SER B 137 2.35 -25.69 -8.70
C SER B 137 3.20 -26.38 -7.61
N THR B 138 3.97 -27.39 -8.03
CA THR B 138 4.82 -28.16 -7.11
C THR B 138 6.30 -28.06 -7.53
N SER B 139 7.15 -27.73 -6.55
CA SER B 139 8.60 -27.74 -6.72
C SER B 139 9.33 -28.09 -5.42
N GLY B 140 10.09 -29.19 -5.46
CA GLY B 140 10.92 -29.63 -4.33
C GLY B 140 10.17 -30.14 -3.12
N GLY B 141 9.17 -30.99 -3.35
CA GLY B 141 8.38 -31.61 -2.27
C GLY B 141 7.30 -30.74 -1.67
N THR B 142 7.28 -29.46 -2.04
CA THR B 142 6.26 -28.51 -1.60
C THR B 142 5.38 -28.06 -2.75
N ALA B 143 4.08 -28.02 -2.51
CA ALA B 143 3.10 -27.57 -3.50
C ALA B 143 2.38 -26.32 -3.03
N ALA B 144 2.16 -25.40 -3.97
CA ALA B 144 1.39 -24.19 -3.69
C ALA B 144 -0.06 -24.39 -4.07
N LEU B 145 -0.94 -23.91 -3.20
CA LEU B 145 -2.36 -23.87 -3.45
C LEU B 145 -2.92 -22.55 -2.90
N GLY B 146 -4.16 -22.25 -3.24
CA GLY B 146 -4.78 -21.03 -2.75
C GLY B 146 -6.25 -20.86 -3.05
N CYS B 147 -6.74 -19.66 -2.78
CA CYS B 147 -8.08 -19.25 -3.14
C CYS B 147 -8.05 -17.89 -3.81
N LEU B 148 -8.81 -17.79 -4.91
CA LEU B 148 -9.06 -16.52 -5.57
C LEU B 148 -10.39 -15.95 -5.06
N VAL B 149 -10.31 -14.76 -4.46
CA VAL B 149 -11.45 -14.07 -3.88
C VAL B 149 -11.78 -12.91 -4.82
N LYS B 150 -12.78 -13.11 -5.67
CA LYS B 150 -13.05 -12.21 -6.80
C LYS B 150 -14.38 -11.48 -6.69
N ASP B 151 -14.38 -10.22 -7.14
CA ASP B 151 -15.58 -9.41 -7.37
C ASP B 151 -16.35 -9.05 -6.11
N TYR B 152 -15.68 -8.32 -5.22
CA TYR B 152 -16.31 -7.78 -4.03
C TYR B 152 -16.17 -6.25 -3.95
N PHE B 153 -17.08 -5.65 -3.20
CA PHE B 153 -17.08 -4.21 -2.92
C PHE B 153 -17.87 -3.95 -1.63
N PRO B 154 -17.38 -3.08 -0.74
CA PRO B 154 -16.05 -2.49 -0.82
C PRO B 154 -15.02 -3.36 -0.11
N GLU B 155 -13.82 -2.82 0.13
CA GLU B 155 -12.83 -3.45 0.99
C GLU B 155 -13.33 -3.44 2.44
N PRO B 156 -12.91 -4.40 3.29
CA PRO B 156 -11.96 -5.45 2.92
C PRO B 156 -12.53 -6.86 3.00
N VAL B 157 -11.72 -7.84 2.60
CA VAL B 157 -11.97 -9.24 2.96
C VAL B 157 -10.86 -9.74 3.89
N THR B 158 -11.19 -10.72 4.72
CA THR B 158 -10.19 -11.44 5.51
C THR B 158 -10.19 -12.90 5.07
N VAL B 159 -9.00 -13.50 5.06
CA VAL B 159 -8.84 -14.91 4.70
C VAL B 159 -8.04 -15.63 5.78
N SER B 160 -8.58 -16.77 6.23
CA SER B 160 -7.86 -17.70 7.09
C SER B 160 -7.82 -19.07 6.42
N TRP B 161 -6.94 -19.94 6.92
CA TRP B 161 -6.83 -21.31 6.42
C TRP B 161 -7.09 -22.32 7.52
N ASN B 162 -7.96 -23.29 7.21
CA ASN B 162 -8.40 -24.35 8.14
C ASN B 162 -8.86 -23.79 9.49
N SER B 163 -9.71 -22.75 9.42
CA SER B 163 -10.26 -22.02 10.57
C SER B 163 -9.21 -21.38 11.50
N GLY B 164 -8.02 -21.11 10.96
CA GLY B 164 -6.90 -20.54 11.72
C GLY B 164 -5.87 -21.55 12.18
N ALA B 165 -6.07 -22.82 11.86
CA ALA B 165 -5.11 -23.90 12.18
C ALA B 165 -3.85 -23.83 11.31
N LEU B 166 -4.00 -23.39 10.06
CA LEU B 166 -2.89 -23.26 9.13
C LEU B 166 -2.50 -21.78 8.95
N THR B 167 -1.31 -21.43 9.42
CA THR B 167 -0.79 -20.06 9.33
C THR B 167 0.58 -20.01 8.66
N SER B 168 1.36 -21.08 8.82
CA SER B 168 2.71 -21.19 8.26
C SER B 168 2.66 -21.28 6.73
N GLY B 169 3.44 -20.43 6.07
CA GLY B 169 3.53 -20.40 4.61
C GLY B 169 2.36 -19.73 3.89
N VAL B 170 1.49 -19.05 4.65
CA VAL B 170 0.33 -18.33 4.09
C VAL B 170 0.75 -16.92 3.63
N HIS B 171 0.43 -16.60 2.37
CA HIS B 171 0.55 -15.25 1.84
C HIS B 171 -0.80 -14.80 1.28
N THR B 172 -1.40 -13.81 1.93
CA THR B 172 -2.64 -13.20 1.44
C THR B 172 -2.28 -11.85 0.83
N PHE B 173 -2.53 -11.74 -0.47
CA PHE B 173 -2.15 -10.57 -1.25
C PHE B 173 -3.03 -9.36 -0.94
N PRO B 174 -2.44 -8.14 -1.02
CA PRO B 174 -3.27 -6.94 -0.97
C PRO B 174 -4.26 -6.94 -2.13
N ALA B 175 -5.46 -6.42 -1.88
CA ALA B 175 -6.50 -6.31 -2.89
C ALA B 175 -6.09 -5.42 -4.06
N VAL B 176 -6.53 -5.81 -5.25
CA VAL B 176 -6.40 -4.96 -6.44
C VAL B 176 -7.78 -4.53 -6.92
N LEU B 177 -7.87 -3.28 -7.36
CA LEU B 177 -9.10 -2.80 -7.97
C LEU B 177 -9.09 -3.21 -9.44
N GLN B 178 -10.03 -4.09 -9.79
CA GLN B 178 -10.16 -4.61 -11.16
C GLN B 178 -10.71 -3.55 -12.13
N SER B 179 -10.60 -3.86 -13.41
CA SER B 179 -11.18 -3.07 -14.50
C SER B 179 -12.69 -2.81 -14.31
N SER B 180 -13.38 -3.79 -13.73
CA SER B 180 -14.82 -3.71 -13.46
C SER B 180 -15.21 -2.76 -12.33
N GLY B 181 -14.23 -2.33 -11.54
CA GLY B 181 -14.49 -1.51 -10.35
C GLY B 181 -14.78 -2.33 -9.11
N LEU B 182 -14.64 -3.65 -9.22
CA LEU B 182 -14.76 -4.55 -8.08
C LEU B 182 -13.38 -5.04 -7.67
N TYR B 183 -13.22 -5.34 -6.38
CA TYR B 183 -11.93 -5.77 -5.85
C TYR B 183 -11.71 -7.27 -6.00
N SER B 184 -10.44 -7.65 -6.00
CA SER B 184 -10.02 -9.05 -6.04
C SER B 184 -8.71 -9.23 -5.30
N LEU B 185 -8.57 -10.38 -4.65
CA LEU B 185 -7.28 -10.83 -4.11
C LEU B 185 -7.16 -12.35 -4.14
N SER B 186 -5.93 -12.83 -4.02
CA SER B 186 -5.67 -14.24 -3.81
C SER B 186 -4.99 -14.44 -2.46
N SER B 187 -5.25 -15.60 -1.86
CA SER B 187 -4.52 -16.04 -0.69
C SER B 187 -3.92 -17.39 -1.05
N VAL B 188 -2.62 -17.53 -0.83
CA VAL B 188 -1.89 -18.74 -1.20
C VAL B 188 -1.17 -19.36 0.01
N VAL B 189 -0.92 -20.66 -0.07
CA VAL B 189 -0.17 -21.38 0.96
C VAL B 189 0.67 -22.48 0.31
N THR B 190 1.90 -22.64 0.80
CA THR B 190 2.75 -23.77 0.41
C THR B 190 2.64 -24.86 1.47
N VAL B 191 2.42 -26.09 1.02
CA VAL B 191 2.22 -27.28 1.89
C VAL B 191 3.03 -28.47 1.35
N PRO B 192 3.27 -29.51 2.19
CA PRO B 192 3.90 -30.74 1.65
C PRO B 192 3.08 -31.39 0.54
N SER B 193 3.75 -31.77 -0.55
CA SER B 193 3.10 -32.39 -1.72
C SER B 193 2.47 -33.76 -1.42
N SER B 194 3.02 -34.44 -0.41
CA SER B 194 2.52 -35.74 0.05
C SER B 194 1.17 -35.67 0.76
N SER B 195 0.83 -34.49 1.29
CA SER B 195 -0.43 -34.28 2.02
C SER B 195 -1.59 -33.81 1.12
N LEU B 196 -1.33 -33.66 -0.18
CA LEU B 196 -2.29 -33.11 -1.15
C LEU B 196 -3.60 -33.88 -1.32
N GLY B 197 -3.52 -35.20 -1.27
CA GLY B 197 -4.69 -36.07 -1.41
C GLY B 197 -5.24 -36.61 -0.10
N THR B 198 -4.64 -36.20 1.01
CA THR B 198 -5.00 -36.71 2.35
C THR B 198 -5.45 -35.61 3.32
N GLN B 199 -4.63 -34.57 3.45
CA GLN B 199 -4.96 -33.41 4.28
C GLN B 199 -5.98 -32.52 3.58
N THR B 200 -6.92 -31.99 4.36
CA THR B 200 -7.94 -31.08 3.86
C THR B 200 -7.46 -29.63 4.03
N TYR B 201 -7.52 -28.87 2.94
CA TYR B 201 -7.17 -27.45 2.95
C TYR B 201 -8.38 -26.62 2.56
N ILE B 202 -8.86 -25.81 3.50
CA ILE B 202 -10.05 -24.99 3.33
C ILE B 202 -9.67 -23.54 3.60
N CYS B 203 -9.96 -22.66 2.65
CA CYS B 203 -9.85 -21.22 2.89
C CYS B 203 -11.18 -20.70 3.42
N ASN B 204 -11.10 -19.85 4.43
CA ASN B 204 -12.27 -19.23 5.05
C ASN B 204 -12.25 -17.74 4.74
N VAL B 205 -13.23 -17.31 3.94
CA VAL B 205 -13.30 -15.93 3.46
C VAL B 205 -14.46 -15.21 4.12
N ASN B 206 -14.15 -14.04 4.70
CA ASN B 206 -15.16 -13.21 5.33
C ASN B 206 -15.17 -11.84 4.65
N HIS B 207 -16.33 -11.43 4.17
CA HIS B 207 -16.57 -10.09 3.67
C HIS B 207 -17.70 -9.46 4.48
N LYS B 208 -17.30 -8.72 5.51
CA LYS B 208 -18.25 -8.11 6.46
C LYS B 208 -19.24 -7.08 5.88
N PRO B 209 -18.82 -6.23 4.91
CA PRO B 209 -19.79 -5.26 4.34
C PRO B 209 -21.06 -5.86 3.70
N SER B 210 -20.96 -7.08 3.18
CA SER B 210 -22.09 -7.76 2.52
C SER B 210 -22.61 -8.97 3.30
N ASN B 211 -21.97 -9.25 4.44
CA ASN B 211 -22.24 -10.44 5.29
C ASN B 211 -22.02 -11.77 4.55
N THR B 212 -21.12 -11.74 3.57
CA THR B 212 -20.74 -12.94 2.81
C THR B 212 -19.62 -13.68 3.56
N LYS B 213 -19.85 -14.96 3.79
CA LYS B 213 -18.87 -15.87 4.39
C LYS B 213 -18.81 -17.14 3.55
N VAL B 214 -17.62 -17.47 3.05
CA VAL B 214 -17.43 -18.61 2.14
C VAL B 214 -16.26 -19.48 2.60
N ASP B 215 -16.51 -20.79 2.65
CA ASP B 215 -15.46 -21.78 2.90
C ASP B 215 -15.28 -22.63 1.64
N LYS B 216 -14.04 -22.66 1.13
CA LYS B 216 -13.73 -23.39 -0.10
C LYS B 216 -12.63 -24.43 0.10
N LYS B 217 -12.98 -25.70 -0.13
CA LYS B 217 -12.02 -26.80 -0.10
C LYS B 217 -11.16 -26.76 -1.36
N VAL B 218 -9.84 -26.75 -1.16
CA VAL B 218 -8.87 -26.68 -2.26
C VAL B 218 -8.18 -28.03 -2.42
N GLU B 219 -8.52 -28.72 -3.50
CA GLU B 219 -8.02 -30.07 -3.81
C GLU B 219 -7.37 -30.10 -5.20
N PRO B 220 -6.43 -31.05 -5.45
CA PRO B 220 -5.88 -31.22 -6.80
C PRO B 220 -6.91 -31.65 -7.85
C1 PEG C . 9.30 3.73 -2.76
O1 PEG C . 9.57 2.63 -3.64
C2 PEG C . 8.18 4.58 -3.34
O2 PEG C . 7.59 5.34 -2.29
C3 PEG C . 6.22 5.61 -2.54
C4 PEG C . 5.43 5.46 -1.25
O4 PEG C . 4.41 4.47 -1.43
#